data_2XEM
#
_entry.id   2XEM
#
_cell.length_a   58.471
_cell.length_b   65.387
_cell.length_c   94.411
_cell.angle_alpha   90.00
_cell.angle_beta   99.85
_cell.angle_gamma   90.00
#
_symmetry.space_group_name_H-M   'P 1 21 1'
#
loop_
_entity.id
_entity.type
_entity.pdbx_description
1 polymer DYNE7
2 non-polymer (3E,5E,7E,9E,11E,13E)-pentadeca-3,5,7,9,11,13-hexaen-2-one
3 water water
#
_entity_poly.entity_id   1
_entity_poly.type   'polypeptide(L)'
_entity_poly.pdbx_seq_one_letter_code
;HHHHHHMPDSYVHRHVVTFDETNLVGNVYFAHYLHWQGHCREHFLADHAPGVMAALADGLALVTVDCHADFYAEGSAFDE
VEVRMMLDRLDGHRIAMSFDYVRVAPGPPTLLAQGRQTVACMRRAGHGLEPVEVPAELRRALSRYAVVAR
;
_entity_poly.pdbx_strand_id   A,B,C,D
#
loop_
_chem_comp.id
_chem_comp.type
_chem_comp.name
_chem_comp.formula
SSV non-polymer (3E,5E,7E,9E,11E,13E)-pentadeca-3,5,7,9,11,13-hexaen-2-one 'C15 H18 O'
#
# COMPACT_ATOMS: atom_id res chain seq x y z
N HIS A 4 -5.53 -11.02 25.65
CA HIS A 4 -5.69 -11.63 26.98
C HIS A 4 -4.76 -10.98 28.01
N HIS A 5 -3.45 -11.29 27.93
CA HIS A 5 -2.45 -10.71 28.82
C HIS A 5 -1.75 -9.50 28.20
N HIS A 6 -1.53 -8.48 29.05
CA HIS A 6 -0.71 -7.29 28.78
C HIS A 6 0.66 -7.76 28.31
N MET A 7 1.30 -8.62 29.13
CA MET A 7 2.63 -9.18 28.93
C MET A 7 2.62 -10.31 27.86
N PRO A 8 3.35 -10.17 26.75
CA PRO A 8 3.48 -11.30 25.81
C PRO A 8 4.51 -12.35 26.27
N ASP A 9 4.47 -13.57 25.70
CA ASP A 9 5.44 -14.63 26.01
C ASP A 9 6.34 -15.05 24.79
N SER A 10 6.18 -14.31 23.69
CA SER A 10 6.45 -14.49 22.26
C SER A 10 7.28 -13.24 21.86
N TYR A 11 7.81 -13.20 20.63
CA TYR A 11 8.43 -12.00 20.08
C TYR A 11 7.32 -10.97 19.76
N VAL A 12 7.55 -9.72 20.17
CA VAL A 12 6.57 -8.65 19.99
C VAL A 12 7.04 -7.64 18.97
N HIS A 13 6.28 -7.46 17.88
CA HIS A 13 6.46 -6.31 16.99
C HIS A 13 5.31 -5.28 17.26
N ARG A 14 5.68 -4.05 17.67
CA ARG A 14 4.68 -3.01 18.01
C ARG A 14 4.34 -2.22 16.79
N HIS A 15 3.05 -2.00 16.55
CA HIS A 15 2.62 -1.24 15.36
C HIS A 15 1.51 -0.27 15.74
N VAL A 16 1.67 1.01 15.45
CA VAL A 16 0.62 1.99 15.59
C VAL A 16 -0.13 2.13 14.26
N VAL A 17 -1.47 1.89 14.28
CA VAL A 17 -2.30 1.92 13.07
C VAL A 17 -2.34 3.34 12.50
N THR A 18 -1.98 3.50 11.21
CA THR A 18 -2.07 4.82 10.58
C THR A 18 -3.32 4.94 9.74
N PHE A 19 -3.71 6.18 9.39
CA PHE A 19 -4.92 6.42 8.59
C PHE A 19 -4.90 5.70 7.23
N ASP A 20 -3.72 5.57 6.60
CA ASP A 20 -3.60 4.87 5.30
C ASP A 20 -3.85 3.37 5.39
N GLU A 21 -3.95 2.84 6.63
CA GLU A 21 -4.28 1.41 6.82
C GLU A 21 -5.76 1.21 7.08
N THR A 22 -6.48 2.31 7.23
CA THR A 22 -7.92 2.22 7.42
C THR A 22 -8.61 2.23 6.05
N ASN A 23 -9.94 2.22 6.04
CA ASN A 23 -10.73 2.32 4.83
C ASN A 23 -12.05 2.96 5.19
N LEU A 24 -12.91 3.24 4.21
CA LEU A 24 -14.16 3.96 4.45
C LEU A 24 -15.09 3.32 5.48
N VAL A 25 -15.03 1.98 5.65
CA VAL A 25 -15.80 1.27 6.71
C VAL A 25 -15.40 1.79 8.14
N GLY A 26 -14.16 2.29 8.26
CA GLY A 26 -13.65 2.91 9.47
C GLY A 26 -12.70 2.02 10.25
N ASN A 27 -12.53 0.77 9.82
CA ASN A 27 -11.60 -0.20 10.40
C ASN A 27 -10.31 -0.36 9.59
N VAL A 28 -9.36 -1.16 10.12
CA VAL A 28 -8.15 -1.52 9.38
C VAL A 28 -8.56 -2.46 8.23
N TYR A 29 -8.21 -2.09 6.99
CA TYR A 29 -8.43 -2.94 5.83
C TYR A 29 -7.72 -4.29 6.01
N PHE A 30 -8.43 -5.41 5.72
CA PHE A 30 -7.96 -6.75 6.15
C PHE A 30 -6.54 -7.10 5.71
N ALA A 31 -6.15 -6.72 4.47
CA ALA A 31 -4.87 -7.08 3.89
C ALA A 31 -3.66 -6.52 4.63
N HIS A 32 -3.82 -5.39 5.36
CA HIS A 32 -2.74 -4.83 6.20
C HIS A 32 -2.21 -5.76 7.27
N TYR A 33 -3.07 -6.60 7.84
CA TYR A 33 -2.69 -7.61 8.83
C TYR A 33 -1.65 -8.59 8.27
N LEU A 34 -1.71 -8.88 6.97
CA LEU A 34 -0.70 -9.72 6.30
C LEU A 34 0.59 -9.00 6.11
N HIS A 35 0.57 -7.69 5.74
CA HIS A 35 1.79 -6.88 5.68
C HIS A 35 2.50 -6.92 7.02
N TRP A 36 1.74 -6.81 8.12
CA TRP A 36 2.31 -6.74 9.47
C TRP A 36 3.06 -8.02 9.87
N GLN A 37 2.69 -9.18 9.28
CA GLN A 37 3.42 -10.45 9.45
C GLN A 37 4.84 -10.30 8.90
N GLY A 38 4.94 -9.70 7.72
CA GLY A 38 6.20 -9.37 7.08
C GLY A 38 7.02 -8.39 7.89
N HIS A 39 6.39 -7.29 8.33
CA HIS A 39 7.08 -6.28 9.19
C HIS A 39 7.61 -6.92 10.45
N CYS A 40 6.78 -7.77 11.08
CA CYS A 40 7.14 -8.50 12.27
C CYS A 40 8.34 -9.41 12.04
N ARG A 41 8.31 -10.26 11.00
CA ARG A 41 9.45 -11.19 10.74
C ARG A 41 10.75 -10.47 10.38
N GLU A 42 10.68 -9.32 9.70
CA GLU A 42 11.85 -8.48 9.40
C GLU A 42 12.42 -7.82 10.66
N HIS A 43 11.55 -7.26 11.53
CA HIS A 43 11.93 -6.69 12.81
C HIS A 43 12.63 -7.77 13.68
N PHE A 44 12.09 -9.01 13.67
CA PHE A 44 12.67 -10.15 14.36
C PHE A 44 14.12 -10.41 13.92
N LEU A 45 14.37 -10.47 12.60
CA LEU A 45 15.71 -10.56 12.01
C LEU A 45 16.65 -9.45 12.45
N ALA A 46 16.20 -8.19 12.42
CA ALA A 46 17.04 -7.06 12.85
C ALA A 46 17.38 -7.14 14.35
N ASP A 47 16.41 -7.58 15.20
CA ASP A 47 16.61 -7.73 16.63
C ASP A 47 17.46 -8.95 17.02
N HIS A 48 17.27 -10.10 16.35
CA HIS A 48 17.72 -11.38 16.90
C HIS A 48 18.53 -12.23 15.93
N ALA A 49 18.50 -11.89 14.63
CA ALA A 49 19.30 -12.63 13.65
C ALA A 49 19.96 -11.64 12.65
N PRO A 50 20.77 -10.67 13.14
CA PRO A 50 21.31 -9.65 12.21
C PRO A 50 22.23 -10.17 11.10
N GLY A 51 22.91 -11.29 11.33
CA GLY A 51 23.71 -11.98 10.32
C GLY A 51 22.87 -12.50 9.16
N VAL A 52 21.64 -12.99 9.44
CA VAL A 52 20.66 -13.38 8.43
C VAL A 52 20.18 -12.15 7.64
N MET A 53 19.89 -11.05 8.35
CA MET A 53 19.51 -9.76 7.77
C MET A 53 20.52 -9.33 6.68
N ALA A 54 21.83 -9.47 6.96
CA ALA A 54 22.90 -9.20 6.01
C ALA A 54 22.94 -10.19 4.80
N ALA A 55 22.66 -11.50 5.05
CA ALA A 55 22.58 -12.53 4.00
C ALA A 55 21.45 -12.27 3.00
N LEU A 56 20.40 -11.54 3.42
CA LEU A 56 19.29 -11.10 2.55
C LEU A 56 19.69 -10.03 1.49
N ALA A 57 20.93 -9.49 1.59
CA ALA A 57 21.53 -8.59 0.60
C ALA A 57 22.61 -9.37 -0.19
N ASP A 58 22.81 -10.65 0.17
CA ASP A 58 23.87 -11.52 -0.34
C ASP A 58 23.30 -12.84 -0.91
N GLY A 59 22.08 -12.82 -1.42
CA GLY A 59 21.52 -13.96 -2.14
C GLY A 59 20.45 -14.75 -1.44
N LEU A 60 20.40 -14.70 -0.11
CA LEU A 60 19.33 -15.35 0.66
C LEU A 60 18.00 -14.61 0.47
N ALA A 61 16.93 -15.38 0.27
CA ALA A 61 15.56 -14.85 0.19
C ALA A 61 14.61 -15.65 1.06
N LEU A 62 13.69 -14.95 1.73
CA LEU A 62 12.62 -15.60 2.47
C LEU A 62 11.38 -15.56 1.58
N VAL A 63 10.95 -16.74 1.14
CA VAL A 63 9.86 -16.84 0.17
C VAL A 63 8.61 -17.34 0.90
N THR A 64 7.51 -16.58 0.85
CA THR A 64 6.25 -17.01 1.47
C THR A 64 5.62 -18.16 0.68
N VAL A 65 5.36 -19.28 1.36
CA VAL A 65 4.73 -20.51 0.80
C VAL A 65 3.20 -20.39 0.96
N ASP A 66 2.77 -19.95 2.12
CA ASP A 66 1.35 -19.74 2.43
C ASP A 66 1.18 -18.77 3.58
N CYS A 67 -0.01 -18.21 3.71
CA CYS A 67 -0.34 -17.34 4.84
C CYS A 67 -1.84 -17.40 5.10
N HIS A 68 -2.24 -16.97 6.28
CA HIS A 68 -3.60 -17.13 6.79
C HIS A 68 -3.85 -16.04 7.85
N ALA A 69 -5.09 -15.53 7.92
CA ALA A 69 -5.51 -14.66 9.00
C ALA A 69 -6.96 -14.95 9.36
N ASP A 70 -7.29 -14.92 10.66
CA ASP A 70 -8.66 -14.97 11.18
C ASP A 70 -8.90 -13.65 11.90
N PHE A 71 -10.01 -12.98 11.62
CA PHE A 71 -10.30 -11.65 12.14
C PHE A 71 -11.42 -11.71 13.17
N TYR A 72 -11.22 -11.11 14.36
CA TYR A 72 -12.16 -11.28 15.48
C TYR A 72 -12.82 -9.98 15.92
N ALA A 73 -12.06 -8.88 15.92
CA ALA A 73 -12.55 -7.58 16.36
C ALA A 73 -11.86 -6.51 15.51
N GLU A 74 -12.56 -5.42 15.24
CA GLU A 74 -11.98 -4.39 14.38
C GLU A 74 -10.87 -3.58 15.02
N GLY A 75 -9.87 -3.29 14.20
CA GLY A 75 -8.81 -2.34 14.55
C GLY A 75 -9.20 -0.98 14.04
N SER A 76 -8.67 0.08 14.66
CA SER A 76 -8.98 1.47 14.29
C SER A 76 -7.67 2.26 14.18
N ALA A 77 -7.70 3.41 13.51
CA ALA A 77 -6.58 4.37 13.44
C ALA A 77 -6.12 4.72 14.86
N PHE A 78 -4.80 4.68 15.01
CA PHE A 78 -4.06 5.03 16.23
C PHE A 78 -4.18 4.01 17.37
N ASP A 79 -4.76 2.84 17.09
CA ASP A 79 -4.59 1.66 17.93
C ASP A 79 -3.13 1.27 17.97
N GLU A 80 -2.65 0.96 19.18
CA GLU A 80 -1.36 0.33 19.31
C GLU A 80 -1.56 -1.18 19.31
N VAL A 81 -1.04 -1.87 18.27
CA VAL A 81 -1.17 -3.30 18.10
C VAL A 81 0.16 -4.00 18.35
N GLU A 82 0.14 -5.03 19.20
CA GLU A 82 1.27 -5.94 19.30
C GLU A 82 1.08 -7.12 18.39
N VAL A 83 2.01 -7.28 17.44
CA VAL A 83 2.03 -8.42 16.53
C VAL A 83 2.95 -9.42 17.20
N ARG A 84 2.36 -10.42 17.86
CA ARG A 84 3.09 -11.37 18.67
C ARG A 84 3.35 -12.62 17.85
N MET A 85 4.64 -12.93 17.63
CA MET A 85 5.08 -14.00 16.74
CA MET A 85 5.08 -14.00 16.74
C MET A 85 5.59 -15.19 17.54
N MET A 86 5.16 -16.39 17.13
CA MET A 86 5.59 -17.65 17.72
C MET A 86 6.00 -18.62 16.63
N LEU A 87 7.05 -19.39 16.90
CA LEU A 87 7.46 -20.49 16.03
C LEU A 87 6.49 -21.68 16.21
N ASP A 88 5.86 -22.14 15.12
CA ASP A 88 5.06 -23.36 15.15
C ASP A 88 5.90 -24.58 14.83
N ARG A 89 6.71 -24.51 13.76
CA ARG A 89 7.41 -25.65 13.18
C ARG A 89 8.60 -25.22 12.31
N LEU A 90 9.72 -25.94 12.44
CA LEU A 90 10.88 -25.75 11.58
C LEU A 90 11.21 -27.05 10.87
N ASP A 91 11.29 -27.02 9.53
CA ASP A 91 11.36 -28.26 8.77
C ASP A 91 12.27 -28.10 7.58
N GLY A 92 13.54 -28.49 7.76
CA GLY A 92 14.60 -28.38 6.77
C GLY A 92 14.79 -26.95 6.31
N HIS A 93 14.03 -26.54 5.31
CA HIS A 93 14.11 -25.19 4.78
C HIS A 93 12.88 -24.34 5.08
N ARG A 94 11.83 -24.93 5.65
CA ARG A 94 10.59 -24.21 5.95
C ARG A 94 10.43 -23.80 7.41
N ILE A 95 9.84 -22.63 7.63
CA ILE A 95 9.51 -22.09 8.93
C ILE A 95 8.03 -21.77 8.94
N ALA A 96 7.28 -22.37 9.86
CA ALA A 96 5.88 -22.08 10.08
C ALA A 96 5.79 -21.25 11.39
N MET A 97 5.20 -20.08 11.26
CA MET A 97 5.07 -19.09 12.32
C MET A 97 3.61 -18.77 12.51
N SER A 98 3.21 -18.52 13.76
CA SER A 98 1.88 -18.04 14.08
C SER A 98 1.93 -16.63 14.72
N PHE A 99 0.80 -15.90 14.64
CA PHE A 99 0.71 -14.51 15.06
C PHE A 99 -0.56 -14.28 15.81
N ASP A 100 -0.47 -13.62 16.96
CA ASP A 100 -1.61 -13.00 17.66
C ASP A 100 -1.49 -11.49 17.44
N TYR A 101 -2.60 -10.84 17.09
CA TYR A 101 -2.61 -9.38 16.92
C TYR A 101 -3.43 -8.84 18.04
N VAL A 102 -2.74 -8.21 19.00
CA VAL A 102 -3.37 -7.79 20.25
C VAL A 102 -3.33 -6.25 20.32
N ARG A 103 -4.51 -5.62 20.32
CA ARG A 103 -4.58 -4.19 20.67
C ARG A 103 -4.27 -4.03 22.17
N VAL A 104 -3.24 -3.24 22.48
CA VAL A 104 -2.81 -2.95 23.86
C VAL A 104 -3.20 -1.52 24.31
N ALA A 105 -3.56 -0.66 23.35
CA ALA A 105 -4.08 0.68 23.66
C ALA A 105 -4.85 1.23 22.44
N PRO A 106 -5.94 2.00 22.63
CA PRO A 106 -6.64 2.32 23.90
C PRO A 106 -7.43 1.12 24.40
N GLY A 107 -7.98 1.24 25.61
CA GLY A 107 -8.92 0.27 26.18
C GLY A 107 -8.23 -1.01 26.62
N PRO A 108 -9.01 -2.06 26.97
CA PRO A 108 -8.39 -3.30 27.49
C PRO A 108 -7.66 -4.11 26.42
N PRO A 109 -6.66 -4.94 26.80
CA PRO A 109 -6.00 -5.78 25.77
C PRO A 109 -7.03 -6.64 25.01
N THR A 110 -7.03 -6.54 23.67
CA THR A 110 -8.06 -7.17 22.83
C THR A 110 -7.39 -7.91 21.69
N LEU A 111 -7.70 -9.21 21.59
CA LEU A 111 -7.26 -10.00 20.43
C LEU A 111 -8.07 -9.57 19.17
N LEU A 112 -7.43 -8.88 18.25
CA LEU A 112 -8.06 -8.41 17.03
C LEU A 112 -8.18 -9.52 16.02
N ALA A 113 -7.15 -10.37 15.97
CA ALA A 113 -6.93 -11.29 14.87
C ALA A 113 -5.86 -12.28 15.27
N GLN A 114 -5.81 -13.41 14.54
CA GLN A 114 -4.68 -14.32 14.59
C GLN A 114 -4.28 -14.64 13.17
N GLY A 115 -3.06 -15.11 13.02
CA GLY A 115 -2.54 -15.41 11.68
C GLY A 115 -1.49 -16.49 11.70
N ARG A 116 -1.14 -16.97 10.50
CA ARG A 116 -0.10 -17.99 10.31
C ARG A 116 0.56 -17.73 8.98
N GLN A 117 1.79 -18.18 8.85
CA GLN A 117 2.53 -18.05 7.61
C GLN A 117 3.60 -19.14 7.56
N THR A 118 3.80 -19.73 6.39
CA THR A 118 4.98 -20.58 6.16
C THR A 118 5.92 -19.86 5.20
N VAL A 119 7.19 -19.83 5.55
CA VAL A 119 8.22 -19.23 4.71
C VAL A 119 9.30 -20.25 4.37
N ALA A 120 9.84 -20.18 3.16
CA ALA A 120 10.95 -21.04 2.78
C ALA A 120 12.20 -20.20 2.63
N CYS A 121 13.34 -20.70 3.14
CA CYS A 121 14.65 -20.08 2.91
C CYS A 121 15.15 -20.54 1.56
N MET A 122 15.42 -19.58 0.68
CA MET A 122 15.82 -19.89 -0.68
C MET A 122 17.00 -19.01 -1.10
N ARG A 123 17.73 -19.46 -2.12
CA ARG A 123 18.84 -18.72 -2.72
C ARG A 123 18.54 -18.63 -4.21
N ARG A 124 18.72 -17.44 -4.81
CA ARG A 124 18.50 -17.28 -6.26
C ARG A 124 19.64 -17.97 -7.02
N ALA A 125 19.28 -18.93 -7.89
CA ALA A 125 20.24 -19.77 -8.62
C ALA A 125 19.90 -19.87 -10.12
N GLY A 126 20.72 -20.62 -10.87
CA GLY A 126 20.52 -20.91 -12.29
C GLY A 126 19.51 -22.01 -12.55
N HIS A 127 18.50 -22.13 -11.66
CA HIS A 127 17.37 -23.05 -11.74
C HIS A 127 16.08 -22.34 -11.26
N GLY A 128 16.20 -21.02 -11.04
CA GLY A 128 15.21 -20.22 -10.34
C GLY A 128 15.59 -20.11 -8.87
N LEU A 129 14.68 -20.54 -7.98
CA LEU A 129 14.91 -20.51 -6.53
C LEU A 129 15.30 -21.88 -6.06
N GLU A 130 16.33 -22.00 -5.21
CA GLU A 130 16.62 -23.31 -4.66
C GLU A 130 16.55 -23.34 -3.14
N PRO A 131 15.98 -24.42 -2.53
CA PRO A 131 15.89 -24.48 -1.06
C PRO A 131 17.26 -24.49 -0.40
N VAL A 132 17.40 -23.73 0.68
CA VAL A 132 18.59 -23.73 1.53
C VAL A 132 18.13 -24.01 2.96
N GLU A 133 18.93 -24.76 3.74
CA GLU A 133 18.57 -25.04 5.13
CA GLU A 133 18.60 -25.06 5.14
C GLU A 133 18.45 -23.72 5.90
N VAL A 134 17.51 -23.65 6.85
CA VAL A 134 17.33 -22.49 7.70
C VAL A 134 18.70 -22.13 8.34
N PRO A 135 19.20 -20.89 8.18
CA PRO A 135 20.50 -20.54 8.81
C PRO A 135 20.48 -20.80 10.31
N ALA A 136 21.59 -21.32 10.87
CA ALA A 136 21.72 -21.68 12.29
C ALA A 136 21.34 -20.52 13.20
N GLU A 137 21.77 -19.30 12.85
CA GLU A 137 21.47 -18.09 13.61
C GLU A 137 19.95 -17.85 13.74
N LEU A 138 19.20 -18.05 12.64
CA LEU A 138 17.76 -17.90 12.62
C LEU A 138 17.07 -19.02 13.40
N ARG A 139 17.53 -20.26 13.19
CA ARG A 139 16.99 -21.39 13.93
C ARG A 139 17.16 -21.18 15.46
N ARG A 140 18.32 -20.73 15.88
CA ARG A 140 18.63 -20.46 17.28
C ARG A 140 17.83 -19.29 17.85
N ALA A 141 17.70 -18.21 17.05
CA ALA A 141 16.93 -17.02 17.41
C ALA A 141 15.45 -17.34 17.63
N LEU A 142 14.85 -18.14 16.75
CA LEU A 142 13.45 -18.54 16.83
C LEU A 142 13.14 -19.44 18.01
N SER A 143 14.07 -20.36 18.34
CA SER A 143 13.93 -21.26 19.49
C SER A 143 14.02 -20.52 20.83
N ARG A 144 14.83 -19.44 20.87
CA ARG A 144 15.10 -18.64 22.06
C ARG A 144 14.09 -17.49 22.23
N TYR A 145 13.62 -16.88 21.13
CA TYR A 145 12.81 -15.65 21.22
C TYR A 145 11.36 -15.76 20.77
N ALA A 146 11.04 -16.82 20.03
CA ALA A 146 9.70 -17.01 19.49
C ALA A 146 9.04 -18.32 19.96
N VAL A 147 9.64 -18.97 20.93
CA VAL A 147 8.99 -20.15 21.53
C VAL A 147 8.30 -19.75 22.86
N VAL A 148 7.06 -20.24 23.10
CA VAL A 148 6.16 -19.87 24.21
C VAL A 148 5.51 -18.51 23.91
N ASP B 9 14.11 23.32 15.78
CA ASP B 9 13.26 22.45 16.60
C ASP B 9 12.41 21.54 15.67
N SER B 10 12.79 20.25 15.52
CA SER B 10 11.96 19.39 14.71
C SER B 10 11.30 18.26 15.44
N TYR B 11 10.08 17.95 14.98
CA TYR B 11 9.38 16.75 15.40
C TYR B 11 9.94 15.56 14.62
N VAL B 12 10.31 14.48 15.32
CA VAL B 12 10.95 13.34 14.69
C VAL B 12 9.96 12.16 14.70
N HIS B 13 9.64 11.65 13.50
CA HIS B 13 8.96 10.37 13.36
C HIS B 13 9.97 9.33 12.85
N ARG B 14 10.20 8.29 13.62
CA ARG B 14 11.14 7.23 13.27
C ARG B 14 10.44 6.14 12.46
N HIS B 15 11.01 5.78 11.31
CA HIS B 15 10.44 4.74 10.42
C HIS B 15 11.49 3.73 9.99
N VAL B 16 11.25 2.45 10.21
CA VAL B 16 12.13 1.41 9.71
C VAL B 16 11.56 0.90 8.36
N VAL B 17 12.36 0.99 7.29
CA VAL B 17 11.96 0.55 5.95
C VAL B 17 11.69 -0.97 5.93
N THR B 18 10.53 -1.37 5.41
CA THR B 18 10.18 -2.79 5.28
C THR B 18 10.30 -3.23 3.83
N PHE B 19 10.40 -4.54 3.60
CA PHE B 19 10.48 -5.10 2.26
C PHE B 19 9.37 -4.67 1.33
N ASP B 20 8.13 -4.55 1.84
CA ASP B 20 6.98 -4.18 1.03
C ASP B 20 7.06 -2.72 0.54
N GLU B 21 8.03 -1.93 1.06
CA GLU B 21 8.24 -0.57 0.60
C GLU B 21 9.34 -0.50 -0.44
N THR B 22 10.02 -1.61 -0.67
CA THR B 22 11.05 -1.67 -1.70
C THR B 22 10.40 -2.05 -3.04
N ASN B 23 11.19 -2.16 -4.09
CA ASN B 23 10.73 -2.59 -5.40
C ASN B 23 11.89 -3.33 -6.06
N LEU B 24 11.64 -3.87 -7.27
CA LEU B 24 12.64 -4.70 -7.94
C LEU B 24 13.97 -4.00 -8.21
N VAL B 25 13.97 -2.66 -8.37
CA VAL B 25 15.20 -1.84 -8.47
C VAL B 25 16.11 -2.01 -7.23
N GLY B 26 15.51 -2.31 -6.08
CA GLY B 26 16.24 -2.57 -4.85
C GLY B 26 16.13 -1.45 -3.82
N ASN B 27 15.57 -0.30 -4.20
CA ASN B 27 15.41 0.87 -3.33
C ASN B 27 13.96 1.02 -2.85
N VAL B 28 13.71 2.02 -1.99
CA VAL B 28 12.36 2.36 -1.54
C VAL B 28 11.60 2.99 -2.72
N TYR B 29 10.46 2.40 -3.09
CA TYR B 29 9.60 2.97 -4.13
C TYR B 29 9.15 4.40 -3.74
N PHE B 30 9.23 5.36 -4.69
CA PHE B 30 9.11 6.79 -4.38
C PHE B 30 7.86 7.17 -3.62
N ALA B 31 6.70 6.55 -3.95
CA ALA B 31 5.40 6.94 -3.36
C ALA B 31 5.33 6.70 -1.84
N HIS B 32 6.13 5.75 -1.29
CA HIS B 32 6.19 5.50 0.16
C HIS B 32 6.63 6.69 0.99
N TYR B 33 7.52 7.54 0.44
CA TYR B 33 7.95 8.78 1.09
C TYR B 33 6.78 9.71 1.41
N LEU B 34 5.77 9.72 0.55
CA LEU B 34 4.53 10.48 0.78
C LEU B 34 3.68 9.89 1.85
N HIS B 35 3.56 8.54 1.93
CA HIS B 35 2.85 7.89 3.05
C HIS B 35 3.49 8.30 4.36
N TRP B 36 4.83 8.34 4.41
CA TRP B 36 5.58 8.66 5.64
C TRP B 36 5.31 10.07 6.17
N GLN B 37 5.08 11.03 5.23
CA GLN B 37 4.56 12.38 5.56
C GLN B 37 3.29 12.30 6.37
N GLY B 38 2.35 11.48 5.89
CA GLY B 38 1.10 11.15 6.55
C GLY B 38 1.32 10.53 7.91
N HIS B 39 2.13 9.46 8.02
CA HIS B 39 2.42 8.81 9.30
C HIS B 39 2.97 9.83 10.30
N CYS B 40 3.87 10.70 9.83
CA CYS B 40 4.47 11.74 10.62
C CYS B 40 3.45 12.76 11.10
N ARG B 41 2.62 13.33 10.20
CA ARG B 41 1.63 14.36 10.64
C ARG B 41 0.59 13.77 11.60
N GLU B 42 0.23 12.49 11.40
CA GLU B 42 -0.78 11.79 12.20
C GLU B 42 -0.27 11.44 13.56
N HIS B 43 0.98 10.90 13.64
CA HIS B 43 1.72 10.72 14.90
C HIS B 43 1.91 12.03 15.69
N PHE B 44 2.18 13.15 14.99
CA PHE B 44 2.21 14.46 15.64
C PHE B 44 0.87 14.82 16.29
N LEU B 45 -0.26 14.59 15.57
CA LEU B 45 -1.60 14.88 16.06
C LEU B 45 -1.86 14.08 17.31
N ALA B 46 -1.55 12.78 17.28
CA ALA B 46 -1.74 11.88 18.43
C ALA B 46 -0.86 12.27 19.63
N ASP B 47 0.39 12.70 19.37
CA ASP B 47 1.36 13.08 20.41
C ASP B 47 1.14 14.44 21.03
N HIS B 48 0.62 15.42 20.25
CA HIS B 48 0.61 16.80 20.74
C HIS B 48 -0.71 17.54 20.50
N ALA B 49 -1.67 16.94 19.79
CA ALA B 49 -3.01 17.54 19.67
C ALA B 49 -4.12 16.45 19.61
N PRO B 50 -4.19 15.53 20.63
CA PRO B 50 -5.22 14.48 20.63
C PRO B 50 -6.67 14.93 20.48
N GLY B 51 -7.01 16.11 21.03
CA GLY B 51 -8.33 16.71 20.91
C GLY B 51 -8.74 17.01 19.48
N VAL B 52 -7.76 17.38 18.64
CA VAL B 52 -7.95 17.64 17.20
C VAL B 52 -8.15 16.28 16.50
N MET B 53 -7.35 15.25 16.90
CA MET B 53 -7.47 13.87 16.46
C MET B 53 -8.90 13.34 16.65
N ALA B 54 -9.44 13.50 17.88
CA ALA B 54 -10.81 13.15 18.28
C ALA B 54 -11.85 13.93 17.46
N ALA B 55 -11.64 15.28 17.31
CA ALA B 55 -12.50 16.18 16.52
C ALA B 55 -12.65 15.73 15.06
N LEU B 56 -11.75 14.87 14.54
CA LEU B 56 -11.83 14.39 13.15
C LEU B 56 -13.05 13.51 12.92
N ALA B 57 -13.52 12.81 13.97
CA ALA B 57 -14.76 12.04 13.99
C ALA B 57 -15.97 12.97 13.94
N ASP B 58 -15.88 14.14 14.60
CA ASP B 58 -17.01 15.04 14.79
C ASP B 58 -17.43 15.80 13.52
N GLY B 59 -16.64 16.80 13.13
CA GLY B 59 -16.95 17.66 11.99
C GLY B 59 -15.77 18.47 11.49
N LEU B 60 -14.58 18.20 12.05
CA LEU B 60 -13.34 18.76 11.54
C LEU B 60 -12.73 17.85 10.49
N ALA B 61 -12.37 18.46 9.36
CA ALA B 61 -11.58 17.83 8.32
C ALA B 61 -10.21 18.51 8.25
N LEU B 62 -9.11 17.72 8.28
CA LEU B 62 -7.78 18.17 7.87
C LEU B 62 -7.47 17.60 6.49
N VAL B 63 -7.61 18.42 5.48
CA VAL B 63 -7.63 18.01 4.08
C VAL B 63 -6.25 18.33 3.49
N THR B 64 -5.60 17.38 2.80
CA THR B 64 -4.33 17.70 2.11
C THR B 64 -4.61 18.55 0.87
N VAL B 65 -3.99 19.73 0.81
CA VAL B 65 -4.10 20.69 -0.31
C VAL B 65 -3.06 20.37 -1.38
N ASP B 66 -1.83 20.09 -0.92
CA ASP B 66 -0.73 19.70 -1.82
C ASP B 66 0.33 18.93 -1.06
N CYS B 67 1.21 18.24 -1.82
CA CYS B 67 2.39 17.64 -1.26
C CYS B 67 3.50 17.61 -2.32
N HIS B 68 4.75 17.49 -1.86
CA HIS B 68 5.93 17.55 -2.70
C HIS B 68 7.01 16.67 -2.06
N ALA B 69 7.84 16.04 -2.89
CA ALA B 69 9.05 15.35 -2.42
C ALA B 69 10.20 15.56 -3.43
N ASP B 70 11.42 15.75 -2.94
CA ASP B 70 12.67 15.74 -3.72
C ASP B 70 13.47 14.53 -3.24
N PHE B 71 13.96 13.70 -4.17
CA PHE B 71 14.67 12.46 -3.83
C PHE B 71 16.16 12.57 -4.12
N TYR B 72 17.03 12.26 -3.13
CA TYR B 72 18.45 12.50 -3.26
C TYR B 72 19.31 11.24 -3.25
N ALA B 73 18.97 10.29 -2.39
CA ALA B 73 19.78 9.07 -2.23
C ALA B 73 18.82 7.94 -1.94
N GLU B 74 19.21 6.74 -2.34
CA GLU B 74 18.31 5.63 -2.20
C GLU B 74 18.24 5.08 -0.77
N GLY B 75 17.02 4.79 -0.33
CA GLY B 75 16.75 4.05 0.90
C GLY B 75 16.73 2.57 0.57
N SER B 76 16.95 1.74 1.56
CA SER B 76 16.96 0.27 1.41
C SER B 76 16.18 -0.35 2.57
N ALA B 77 15.75 -1.62 2.41
CA ALA B 77 15.12 -2.40 3.48
C ALA B 77 15.97 -2.42 4.74
N PHE B 78 15.31 -2.24 5.91
CA PHE B 78 15.92 -2.22 7.26
C PHE B 78 16.56 -0.87 7.63
N ASP B 79 16.67 0.09 6.68
CA ASP B 79 17.12 1.45 7.03
C ASP B 79 16.24 2.06 8.09
N GLU B 80 16.86 2.67 9.09
CA GLU B 80 16.13 3.48 10.06
C GLU B 80 16.14 4.93 9.58
N VAL B 81 14.96 5.43 9.25
CA VAL B 81 14.79 6.78 8.66
C VAL B 81 14.09 7.68 9.68
N GLU B 82 14.70 8.85 9.95
CA GLU B 82 14.02 9.88 10.72
C GLU B 82 13.28 10.80 9.76
N VAL B 83 11.95 10.87 9.90
CA VAL B 83 11.12 11.79 9.16
C VAL B 83 10.99 13.01 10.07
N ARG B 84 11.79 14.05 9.79
CA ARG B 84 11.88 15.24 10.61
C ARG B 84 10.98 16.31 10.09
N MET B 85 9.96 16.68 10.87
CA MET B 85 8.93 17.60 10.44
C MET B 85 9.09 18.96 11.08
N MET B 86 8.91 20.02 10.29
CA MET B 86 8.94 21.40 10.77
C MET B 86 7.74 22.14 10.25
N LEU B 87 7.23 23.08 11.06
CA LEU B 87 6.27 24.08 10.62
C LEU B 87 6.94 25.08 9.69
N ASP B 88 6.48 25.11 8.46
CA ASP B 88 6.96 26.08 7.49
C ASP B 88 6.14 27.38 7.69
N ARG B 89 4.79 27.27 7.82
CA ARG B 89 3.88 28.44 7.92
C ARG B 89 2.47 28.03 8.36
N LEU B 90 1.86 28.83 9.25
CA LEU B 90 0.45 28.69 9.61
C LEU B 90 -0.23 30.00 9.25
N ASP B 91 -1.35 29.91 8.52
CA ASP B 91 -2.07 31.07 8.01
C ASP B 91 -3.56 30.80 7.96
N GLY B 92 -4.31 31.44 8.86
CA GLY B 92 -5.76 31.27 8.97
C GLY B 92 -6.11 29.81 9.10
N HIS B 93 -6.40 29.15 7.96
CA HIS B 93 -6.85 27.75 8.04
C HIS B 93 -5.83 26.73 7.53
N ARG B 94 -4.73 27.22 6.93
CA ARG B 94 -3.72 26.35 6.32
C ARG B 94 -2.49 26.18 7.17
N ILE B 95 -1.93 24.96 7.12
CA ILE B 95 -0.67 24.60 7.76
C ILE B 95 0.24 24.01 6.67
N ALA B 96 1.40 24.63 6.46
CA ALA B 96 2.44 24.12 5.60
C ALA B 96 3.56 23.58 6.48
N MET B 97 3.88 22.32 6.27
CA MET B 97 4.94 21.57 6.94
C MET B 97 6.02 21.20 5.96
N SER B 98 7.28 21.13 6.43
CA SER B 98 8.38 20.59 5.65
C SER B 98 8.99 19.37 6.34
N PHE B 99 9.67 18.50 5.56
CA PHE B 99 10.17 17.20 6.02
C PHE B 99 11.56 16.96 5.47
N ASP B 100 12.48 16.58 6.35
CA ASP B 100 13.75 15.97 5.96
C ASP B 100 13.65 14.48 6.24
N TYR B 101 14.11 13.63 5.31
CA TYR B 101 14.11 12.18 5.54
C TYR B 101 15.55 11.78 5.63
N VAL B 102 15.99 11.50 6.86
CA VAL B 102 17.39 11.23 7.14
C VAL B 102 17.56 9.77 7.57
N ARG B 103 18.34 8.99 6.81
CA ARG B 103 18.77 7.67 7.27
C ARG B 103 19.81 7.87 8.39
N VAL B 104 19.49 7.36 9.59
CA VAL B 104 20.39 7.41 10.74
C VAL B 104 21.09 6.08 11.03
N ALA B 105 20.62 4.99 10.41
CA ALA B 105 21.28 3.69 10.53
C ALA B 105 20.82 2.79 9.36
N PRO B 106 21.70 1.92 8.80
CA PRO B 106 23.15 1.78 9.07
C PRO B 106 23.94 2.94 8.45
N GLY B 107 25.24 2.98 8.74
CA GLY B 107 26.15 3.93 8.12
C GLY B 107 26.00 5.34 8.65
N PRO B 108 26.64 6.32 7.96
CA PRO B 108 26.56 7.72 8.44
C PRO B 108 25.21 8.38 8.14
N PRO B 109 24.80 9.43 8.91
CA PRO B 109 23.53 10.11 8.59
C PRO B 109 23.48 10.57 7.13
N THR B 110 22.43 10.18 6.42
CA THR B 110 22.28 10.45 4.97
C THR B 110 20.90 11.01 4.68
N LEU B 111 20.87 12.20 4.08
CA LEU B 111 19.63 12.80 3.61
C LEU B 111 19.13 12.05 2.41
N LEU B 112 18.05 11.27 2.56
CA LEU B 112 17.48 10.49 1.47
C LEU B 112 16.61 11.34 0.57
N ALA B 113 15.92 12.31 1.16
CA ALA B 113 14.86 13.04 0.50
C ALA B 113 14.46 14.22 1.35
N GLN B 114 13.70 15.14 0.76
CA GLN B 114 13.01 16.19 1.50
C GLN B 114 11.61 16.30 0.95
N GLY B 115 10.71 16.87 1.73
CA GLY B 115 9.32 17.01 1.31
C GLY B 115 8.63 18.20 1.94
N ARG B 116 7.37 18.43 1.50
CA ARG B 116 6.52 19.54 1.89
C ARG B 116 5.08 19.08 1.73
N GLN B 117 4.21 19.59 2.58
CA GLN B 117 2.79 19.30 2.47
C GLN B 117 2.03 20.48 3.05
N THR B 118 0.89 20.82 2.42
CA THR B 118 -0.04 21.79 2.99
C THR B 118 -1.32 21.08 3.33
N VAL B 119 -1.83 21.35 4.54
CA VAL B 119 -3.14 20.85 4.97
C VAL B 119 -4.12 22.03 5.27
N ALA B 120 -5.42 21.90 4.89
CA ALA B 120 -6.44 22.90 5.23
C ALA B 120 -7.41 22.36 6.27
N CYS B 121 -7.72 23.18 7.30
CA CYS B 121 -8.72 22.87 8.33
C CYS B 121 -10.10 23.29 7.84
N MET B 122 -11.04 22.34 7.74
CA MET B 122 -12.39 22.56 7.20
C MET B 122 -13.49 22.05 8.17
N ARG B 123 -14.68 22.67 8.11
CA ARG B 123 -15.92 22.17 8.74
C ARG B 123 -16.96 21.92 7.66
N ARG B 124 -17.77 20.85 7.80
CA ARG B 124 -18.51 20.25 6.67
C ARG B 124 -19.98 19.87 6.92
N ALA B 125 -20.83 20.85 7.27
CA ALA B 125 -22.26 20.57 7.40
C ALA B 125 -23.00 20.79 6.07
N GLY B 126 -23.87 19.83 5.74
CA GLY B 126 -24.77 19.92 4.59
C GLY B 126 -24.37 19.09 3.37
N HIS B 127 -23.55 19.69 2.49
CA HIS B 127 -23.16 19.13 1.19
C HIS B 127 -21.67 19.42 0.88
N GLY B 128 -21.26 20.67 1.11
CA GLY B 128 -19.88 21.11 0.95
C GLY B 128 -19.15 21.22 2.27
N LEU B 129 -17.94 21.79 2.24
CA LEU B 129 -17.06 22.00 3.39
C LEU B 129 -16.36 23.35 3.36
N GLU B 130 -16.27 24.02 4.51
CA GLU B 130 -15.85 25.42 4.62
C GLU B 130 -14.59 25.61 5.49
N PRO B 131 -13.70 26.57 5.12
CA PRO B 131 -12.50 26.82 5.94
C PRO B 131 -12.83 27.29 7.34
N VAL B 132 -12.14 26.72 8.32
CA VAL B 132 -12.22 27.07 9.74
C VAL B 132 -10.81 27.34 10.24
N GLU B 133 -10.68 28.22 11.24
CA GLU B 133 -9.42 28.54 11.92
C GLU B 133 -8.74 27.25 12.37
N VAL B 134 -7.40 27.18 12.26
CA VAL B 134 -6.63 26.10 12.89
C VAL B 134 -7.01 26.02 14.39
N PRO B 135 -7.48 24.85 14.90
CA PRO B 135 -7.83 24.75 16.33
C PRO B 135 -6.67 25.16 17.23
N ALA B 136 -7.01 25.81 18.38
CA ALA B 136 -6.10 26.39 19.38
C ALA B 136 -5.01 25.43 19.89
N GLU B 137 -5.45 24.24 20.38
CA GLU B 137 -4.60 23.11 20.78
C GLU B 137 -3.58 22.74 19.69
N LEU B 138 -4.03 22.68 18.41
CA LEU B 138 -3.12 22.44 17.29
C LEU B 138 -2.20 23.65 17.07
N ARG B 139 -2.77 24.86 16.99
CA ARG B 139 -1.95 26.07 16.87
C ARG B 139 -0.86 26.11 18.01
N ARG B 140 -1.25 25.84 19.28
CA ARG B 140 -0.31 25.74 20.42
C ARG B 140 0.79 24.70 20.24
N ALA B 141 0.42 23.46 19.85
CA ALA B 141 1.37 22.36 19.65
C ALA B 141 2.38 22.70 18.56
N LEU B 142 1.90 23.35 17.46
CA LEU B 142 2.67 23.72 16.27
C LEU B 142 3.82 24.67 16.57
N SER B 143 3.61 25.67 17.43
CA SER B 143 4.63 26.65 17.81
C SER B 143 5.89 26.02 18.49
N ARG B 144 5.69 25.07 19.43
CA ARG B 144 6.74 24.28 20.09
C ARG B 144 7.64 23.55 19.09
N ASP C 9 -17.25 -21.52 -14.94
CA ASP C 9 -17.36 -20.11 -15.32
C ASP C 9 -17.06 -19.23 -14.12
N SER C 10 -15.77 -19.08 -13.81
CA SER C 10 -15.38 -18.21 -12.74
C SER C 10 -15.48 -16.77 -13.16
N TYR C 11 -15.64 -15.90 -12.19
CA TYR C 11 -15.56 -14.45 -12.38
C TYR C 11 -14.08 -14.07 -12.52
N VAL C 12 -13.75 -13.30 -13.56
CA VAL C 12 -12.36 -12.93 -13.82
C VAL C 12 -12.13 -11.46 -13.52
N HIS C 13 -11.22 -11.16 -12.59
CA HIS C 13 -10.70 -9.82 -12.38
C HIS C 13 -9.27 -9.76 -12.95
N ARG C 14 -9.06 -8.91 -13.96
CA ARG C 14 -7.74 -8.78 -14.60
C ARG C 14 -6.89 -7.75 -13.85
N HIS C 15 -5.64 -8.11 -13.53
CA HIS C 15 -4.73 -7.20 -12.80
C HIS C 15 -3.36 -7.19 -13.44
N VAL C 16 -2.85 -6.01 -13.78
CA VAL C 16 -1.49 -5.87 -14.27
C VAL C 16 -0.60 -5.50 -13.08
N VAL C 17 0.44 -6.31 -12.81
CA VAL C 17 1.38 -6.08 -11.70
C VAL C 17 2.16 -4.78 -11.93
N THR C 18 2.15 -3.90 -10.91
CA THR C 18 2.90 -2.64 -10.98
C THR C 18 4.17 -2.75 -10.15
N PHE C 19 5.15 -1.86 -10.41
CA PHE C 19 6.41 -1.87 -9.67
C PHE C 19 6.25 -1.74 -8.18
N ASP C 20 5.26 -0.96 -7.72
CA ASP C 20 5.02 -0.77 -6.28
C ASP C 20 4.51 -2.05 -5.60
N GLU C 21 4.17 -3.10 -6.38
CA GLU C 21 3.78 -4.38 -5.82
C GLU C 21 4.94 -5.36 -5.78
N THR C 22 6.10 -4.96 -6.34
CA THR C 22 7.26 -5.80 -6.30
C THR C 22 8.07 -5.47 -5.04
N ASN C 23 9.23 -6.14 -4.88
CA ASN C 23 10.13 -5.88 -3.79
C ASN C 23 11.54 -6.25 -4.22
N LEU C 24 12.51 -6.00 -3.36
CA LEU C 24 13.93 -6.21 -3.70
C LEU C 24 14.29 -7.66 -4.12
N VAL C 25 13.53 -8.66 -3.64
CA VAL C 25 13.69 -10.06 -4.09
C VAL C 25 13.45 -10.19 -5.61
N GLY C 26 12.62 -9.31 -6.17
CA GLY C 26 12.33 -9.23 -7.60
C GLY C 26 10.96 -9.72 -7.98
N ASN C 27 10.23 -10.28 -7.02
CA ASN C 27 8.89 -10.83 -7.24
C ASN C 27 7.79 -9.90 -6.64
N VAL C 28 6.52 -10.28 -6.83
CA VAL C 28 5.37 -9.63 -6.18
C VAL C 28 5.43 -9.95 -4.70
N TYR C 29 5.49 -8.92 -3.86
CA TYR C 29 5.44 -9.12 -2.40
C TYR C 29 4.13 -9.86 -2.01
N PHE C 30 4.24 -10.89 -1.16
CA PHE C 30 3.14 -11.86 -0.94
C PHE C 30 1.79 -11.19 -0.54
N ALA C 31 1.84 -10.12 0.28
CA ALA C 31 0.64 -9.49 0.84
C ALA C 31 -0.28 -8.85 -0.23
N HIS C 32 0.29 -8.43 -1.38
CA HIS C 32 -0.48 -7.91 -2.52
C HIS C 32 -1.51 -8.86 -3.08
N TYR C 33 -1.24 -10.17 -3.04
CA TYR C 33 -2.20 -11.20 -3.46
C TYR C 33 -3.51 -11.12 -2.65
N LEU C 34 -3.42 -10.74 -1.38
CA LEU C 34 -4.60 -10.53 -0.53
C LEU C 34 -5.36 -9.29 -0.90
N HIS C 35 -4.66 -8.17 -1.23
CA HIS C 35 -5.34 -6.96 -1.73
C HIS C 35 -6.14 -7.29 -2.97
N TRP C 36 -5.59 -8.12 -3.86
CA TRP C 36 -6.23 -8.47 -5.14
C TRP C 36 -7.57 -9.21 -4.96
N GLN C 37 -7.73 -9.94 -3.84
CA GLN C 37 -9.00 -10.57 -3.46
C GLN C 37 -10.06 -9.50 -3.24
N GLY C 38 -9.68 -8.43 -2.53
CA GLY C 38 -10.51 -7.28 -2.30
C GLY C 38 -10.87 -6.57 -3.59
N HIS C 39 -9.86 -6.29 -4.44
CA HIS C 39 -10.10 -5.65 -5.74
C HIS C 39 -11.08 -6.47 -6.57
N CYS C 40 -10.86 -7.78 -6.59
CA CYS C 40 -11.69 -8.72 -7.33
C CYS C 40 -13.16 -8.71 -6.80
N ARG C 41 -13.37 -8.83 -5.48
CA ARG C 41 -14.74 -8.81 -4.94
C ARG C 41 -15.49 -7.48 -5.18
N GLU C 42 -14.77 -6.34 -5.12
CA GLU C 42 -15.34 -5.03 -5.46
C GLU C 42 -15.73 -4.90 -6.93
N HIS C 43 -14.85 -5.35 -7.85
CA HIS C 43 -15.10 -5.38 -9.30
C HIS C 43 -16.36 -6.27 -9.57
N PHE C 44 -16.45 -7.42 -8.87
CA PHE C 44 -17.60 -8.32 -8.96
C PHE C 44 -18.92 -7.60 -8.64
N LEU C 45 -18.97 -6.87 -7.52
CA LEU C 45 -20.12 -6.03 -7.14
C LEU C 45 -20.49 -4.99 -8.18
N ALA C 46 -19.48 -4.25 -8.73
CA ALA C 46 -19.77 -3.26 -9.77
C ALA C 46 -20.35 -3.91 -11.04
N ASP C 47 -19.84 -5.10 -11.42
CA ASP C 47 -20.29 -5.83 -12.61
C ASP C 47 -21.66 -6.49 -12.44
N HIS C 48 -21.95 -7.07 -11.25
CA HIS C 48 -23.03 -8.06 -11.14
C HIS C 48 -23.99 -7.79 -9.97
N ALA C 49 -23.62 -6.90 -9.04
CA ALA C 49 -24.48 -6.58 -7.90
C ALA C 49 -24.47 -5.07 -7.62
N PRO C 50 -24.78 -4.20 -8.62
CA PRO C 50 -24.60 -2.75 -8.41
C PRO C 50 -25.48 -2.12 -7.30
N GLY C 51 -26.64 -2.73 -7.01
CA GLY C 51 -27.48 -2.33 -5.87
C GLY C 51 -26.78 -2.50 -4.53
N VAL C 52 -25.98 -3.58 -4.39
CA VAL C 52 -25.16 -3.84 -3.20
C VAL C 52 -24.04 -2.81 -3.10
N MET C 53 -23.36 -2.55 -4.24
CA MET C 53 -22.33 -1.52 -4.38
C MET C 53 -22.82 -0.16 -3.80
N ALA C 54 -24.06 0.23 -4.12
CA ALA C 54 -24.69 1.45 -3.59
C ALA C 54 -24.92 1.40 -2.06
N ALA C 55 -25.39 0.23 -1.53
CA ALA C 55 -25.62 0.03 -0.10
C ALA C 55 -24.33 0.16 0.73
N LEU C 56 -23.16 -0.12 0.12
CA LEU C 56 -21.83 0.06 0.73
C LEU C 56 -21.41 1.53 0.97
N ALA C 57 -22.20 2.50 0.46
CA ALA C 57 -22.05 3.94 0.72
C ALA C 57 -23.15 4.37 1.70
N ASP C 58 -24.04 3.43 2.04
CA ASP C 58 -25.25 3.66 2.83
C ASP C 58 -25.29 2.76 4.10
N GLY C 59 -24.12 2.44 4.63
CA GLY C 59 -24.01 1.75 5.91
C GLY C 59 -23.73 0.25 5.88
N LEU C 60 -24.00 -0.43 4.75
CA LEU C 60 -23.60 -1.84 4.58
C LEU C 60 -22.06 -1.94 4.48
N ALA C 61 -21.48 -2.94 5.13
CA ALA C 61 -20.04 -3.20 5.08
C ALA C 61 -19.78 -4.66 4.85
N LEU C 62 -18.77 -4.97 4.03
CA LEU C 62 -18.30 -6.34 3.89
C LEU C 62 -17.07 -6.50 4.78
N VAL C 63 -17.20 -7.33 5.81
CA VAL C 63 -16.15 -7.48 6.81
C VAL C 63 -15.46 -8.82 6.62
N THR C 64 -14.13 -8.83 6.47
CA THR C 64 -13.38 -10.07 6.30
C THR C 64 -13.33 -10.87 7.60
N VAL C 65 -13.75 -12.13 7.56
CA VAL C 65 -13.72 -13.08 8.69
C VAL C 65 -12.40 -13.86 8.71
N ASP C 66 -11.98 -14.31 7.53
CA ASP C 66 -10.70 -15.00 7.35
C ASP C 66 -10.24 -14.90 5.91
N CYS C 67 -8.97 -15.15 5.68
CA CYS C 67 -8.39 -15.20 4.34
C CYS C 67 -7.17 -16.12 4.36
N HIS C 68 -6.75 -16.56 3.17
CA HIS C 68 -5.73 -17.58 2.97
C HIS C 68 -5.14 -17.40 1.57
N ALA C 69 -3.85 -17.67 1.43
CA ALA C 69 -3.18 -17.76 0.14
C ALA C 69 -2.13 -18.86 0.16
N ASP C 70 -2.02 -19.62 -0.94
CA ASP C 70 -0.94 -20.57 -1.20
C ASP C 70 -0.18 -20.09 -2.41
N PHE C 71 1.16 -20.00 -2.32
CA PHE C 71 1.99 -19.41 -3.39
C PHE C 71 2.78 -20.49 -4.09
N TYR C 72 2.72 -20.54 -5.44
CA TYR C 72 3.31 -21.64 -6.20
C TYR C 72 4.45 -21.19 -7.10
N ALA C 73 4.29 -20.05 -7.76
CA ALA C 73 5.30 -19.52 -8.69
C ALA C 73 5.34 -18.02 -8.55
N GLU C 74 6.52 -17.41 -8.75
CA GLU C 74 6.68 -15.97 -8.56
C GLU C 74 5.96 -15.15 -9.66
N GLY C 75 5.32 -14.05 -9.23
CA GLY C 75 4.83 -13.01 -10.13
C GLY C 75 5.89 -11.94 -10.32
N SER C 76 5.84 -11.23 -11.43
CA SER C 76 6.82 -10.18 -11.76
C SER C 76 6.07 -8.91 -12.22
N ALA C 77 6.76 -7.75 -12.20
CA ALA C 77 6.23 -6.49 -12.72
C ALA C 77 5.80 -6.68 -14.17
N PHE C 78 4.62 -6.10 -14.51
CA PHE C 78 4.02 -6.11 -15.85
C PHE C 78 3.29 -7.42 -16.20
N ASP C 79 3.39 -8.47 -15.36
CA ASP C 79 2.57 -9.68 -15.51
C ASP C 79 1.12 -9.31 -15.54
N GLU C 80 0.40 -9.88 -16.50
CA GLU C 80 -1.05 -9.78 -16.53
C GLU C 80 -1.60 -11.01 -15.79
N VAL C 81 -2.25 -10.76 -14.65
CA VAL C 81 -2.75 -11.82 -13.77
C VAL C 81 -4.25 -11.81 -13.81
N GLU C 82 -4.87 -12.96 -14.08
CA GLU C 82 -6.30 -13.14 -13.89
C GLU C 82 -6.57 -13.64 -12.49
N VAL C 83 -7.31 -12.86 -11.70
CA VAL C 83 -7.75 -13.25 -10.38
C VAL C 83 -9.13 -13.84 -10.59
N ARG C 84 -9.19 -15.19 -10.59
CA ARG C 84 -10.40 -15.91 -10.94
C ARG C 84 -11.13 -16.30 -9.66
N MET C 85 -12.32 -15.75 -9.46
CA MET C 85 -13.08 -15.94 -8.23
C MET C 85 -14.22 -16.95 -8.42
N MET C 86 -14.36 -17.83 -7.43
CA MET C 86 -15.44 -18.82 -7.39
C MET C 86 -16.11 -18.76 -6.04
N LEU C 87 -17.43 -18.92 -6.03
CA LEU C 87 -18.20 -19.09 -4.81
C LEU C 87 -17.98 -20.48 -4.23
N ASP C 88 -17.51 -20.55 -2.98
CA ASP C 88 -17.42 -21.83 -2.27
C ASP C 88 -18.68 -22.18 -1.53
N ARG C 89 -19.27 -21.21 -0.80
CA ARG C 89 -20.32 -21.45 0.18
C ARG C 89 -20.99 -20.11 0.57
N LEU C 90 -22.33 -20.11 0.68
CA LEU C 90 -23.07 -18.99 1.28
C LEU C 90 -23.70 -19.57 2.51
N ASP C 91 -23.85 -18.77 3.56
CA ASP C 91 -24.80 -19.11 4.63
C ASP C 91 -25.75 -17.90 4.88
N GLY C 92 -26.28 -17.73 6.10
CA GLY C 92 -27.09 -16.55 6.45
C GLY C 92 -26.43 -15.20 6.17
N HIS C 93 -25.27 -14.96 6.81
CA HIS C 93 -24.59 -13.67 6.72
CA HIS C 93 -24.56 -13.68 6.84
C HIS C 93 -23.18 -13.74 6.12
N ARG C 94 -22.69 -14.97 5.84
CA ARG C 94 -21.32 -15.14 5.33
C ARG C 94 -21.24 -15.61 3.89
N ILE C 95 -20.18 -15.21 3.19
CA ILE C 95 -19.84 -15.66 1.85
C ILE C 95 -18.40 -16.18 1.87
N ALA C 96 -18.19 -17.42 1.43
CA ALA C 96 -16.84 -17.97 1.25
C ALA C 96 -16.55 -18.03 -0.25
N MET C 97 -15.43 -17.41 -0.65
CA MET C 97 -14.95 -17.35 -2.04
C MET C 97 -13.58 -17.99 -2.11
N SER C 98 -13.26 -18.58 -3.27
CA SER C 98 -11.92 -19.07 -3.59
C SER C 98 -11.39 -18.37 -4.84
N PHE C 99 -10.05 -18.36 -4.98
CA PHE C 99 -9.35 -17.58 -6.01
C PHE C 99 -8.25 -18.41 -6.59
N ASP C 100 -8.19 -18.46 -7.93
CA ASP C 100 -6.99 -18.87 -8.67
C ASP C 100 -6.32 -17.61 -9.22
N TYR C 101 -4.98 -17.51 -9.10
CA TYR C 101 -4.25 -16.37 -9.64
C TYR C 101 -3.43 -16.91 -10.77
N VAL C 102 -3.87 -16.60 -11.98
CA VAL C 102 -3.28 -17.18 -13.20
C VAL C 102 -2.59 -16.08 -14.00
N ARG C 103 -1.26 -16.20 -14.16
CA ARG C 103 -0.56 -15.33 -15.12
C ARG C 103 -0.95 -15.78 -16.54
N VAL C 104 -1.54 -14.85 -17.32
CA VAL C 104 -1.91 -15.12 -18.72
C VAL C 104 -0.96 -14.46 -19.71
N ALA C 105 -0.12 -13.53 -19.24
CA ALA C 105 0.93 -12.91 -20.09
C ALA C 105 2.00 -12.29 -19.19
N PRO C 106 3.29 -12.34 -19.58
CA PRO C 106 3.88 -13.02 -20.75
C PRO C 106 3.94 -14.53 -20.53
N GLY C 107 4.33 -15.28 -21.58
CA GLY C 107 4.58 -16.71 -21.51
C GLY C 107 3.31 -17.51 -21.40
N PRO C 108 3.43 -18.83 -21.09
CA PRO C 108 2.22 -19.69 -21.03
C PRO C 108 1.38 -19.46 -19.78
N PRO C 109 0.05 -19.78 -19.81
CA PRO C 109 -0.76 -19.64 -18.58
C PRO C 109 -0.14 -20.37 -17.40
N THR C 110 0.11 -19.65 -16.28
CA THR C 110 0.80 -20.18 -15.12
C THR C 110 -0.01 -19.88 -13.85
N LEU C 111 -0.38 -20.93 -13.12
CA LEU C 111 -0.98 -20.77 -11.78
C LEU C 111 0.08 -20.25 -10.78
N LEU C 112 -0.02 -18.99 -10.41
CA LEU C 112 0.93 -18.36 -9.49
C LEU C 112 0.63 -18.72 -8.08
N ALA C 113 -0.68 -18.83 -7.77
CA ALA C 113 -1.16 -18.87 -6.40
C ALA C 113 -2.62 -19.28 -6.39
N GLN C 114 -3.11 -19.67 -5.22
CA GLN C 114 -4.54 -19.84 -4.97
C GLN C 114 -4.83 -19.18 -3.64
N GLY C 115 -6.10 -18.84 -3.43
CA GLY C 115 -6.50 -18.18 -2.20
C GLY C 115 -7.94 -18.46 -1.84
N ARG C 116 -8.31 -18.03 -0.62
CA ARG C 116 -9.67 -18.15 -0.11
C ARG C 116 -9.93 -16.97 0.79
N GLN C 117 -11.21 -16.62 0.96
CA GLN C 117 -11.63 -15.57 1.89
C GLN C 117 -13.08 -15.78 2.29
N THR C 118 -13.37 -15.57 3.56
CA THR C 118 -14.77 -15.46 4.03
C THR C 118 -15.06 -14.04 4.40
N VAL C 119 -16.18 -13.53 3.92
CA VAL C 119 -16.66 -12.17 4.21
C VAL C 119 -18.04 -12.23 4.90
N ALA C 120 -18.29 -11.32 5.86
CA ALA C 120 -19.59 -11.19 6.53
C ALA C 120 -20.23 -9.87 6.13
N CYS C 121 -21.55 -9.85 5.87
CA CYS C 121 -22.26 -8.60 5.71
C CYS C 121 -22.60 -8.01 7.07
N MET C 122 -22.24 -6.75 7.26
CA MET C 122 -22.41 -6.08 8.53
C MET C 122 -22.94 -4.66 8.35
N ARG C 123 -23.58 -4.16 9.40
CA ARG C 123 -24.02 -2.78 9.55
C ARG C 123 -23.45 -2.27 10.85
N ARG C 124 -23.13 -0.96 10.89
CA ARG C 124 -22.59 -0.32 12.08
C ARG C 124 -23.73 0.20 12.93
N ALA C 125 -23.80 -0.25 14.19
CA ALA C 125 -24.81 0.14 15.19
C ALA C 125 -24.16 0.96 16.34
N GLY C 126 -24.88 1.12 17.45
CA GLY C 126 -24.38 1.79 18.65
C GLY C 126 -23.23 1.08 19.32
N HIS C 127 -23.33 -0.27 19.41
CA HIS C 127 -22.30 -1.15 19.98
C HIS C 127 -21.07 -1.34 19.07
N GLY C 128 -21.28 -1.27 17.75
CA GLY C 128 -20.27 -1.47 16.73
C GLY C 128 -20.82 -2.15 15.48
N LEU C 129 -20.00 -2.95 14.80
CA LEU C 129 -20.46 -3.73 13.64
C LEU C 129 -21.32 -4.92 14.07
N GLU C 130 -22.49 -5.10 13.45
CA GLU C 130 -23.47 -6.18 13.72
C GLU C 130 -23.84 -6.98 12.46
N PRO C 131 -23.97 -8.33 12.55
CA PRO C 131 -24.26 -9.13 11.34
C PRO C 131 -25.63 -8.85 10.75
N VAL C 132 -25.69 -8.75 9.42
CA VAL C 132 -26.93 -8.60 8.65
C VAL C 132 -26.98 -9.68 7.56
N GLU C 133 -28.16 -9.97 7.04
CA GLU C 133 -28.33 -10.93 5.93
C GLU C 133 -27.57 -10.46 4.69
N VAL C 134 -26.90 -11.38 3.98
CA VAL C 134 -26.37 -11.11 2.63
C VAL C 134 -27.57 -10.67 1.74
N PRO C 135 -27.48 -9.52 1.06
CA PRO C 135 -28.57 -9.12 0.16
C PRO C 135 -28.83 -10.19 -0.93
N ALA C 136 -30.10 -10.44 -1.27
CA ALA C 136 -30.51 -11.42 -2.27
C ALA C 136 -29.84 -11.18 -3.62
N GLU C 137 -29.65 -9.89 -4.04
CA GLU C 137 -28.95 -9.52 -5.29
C GLU C 137 -27.54 -10.11 -5.33
N LEU C 138 -26.82 -10.05 -4.19
CA LEU C 138 -25.47 -10.60 -4.10
C LEU C 138 -25.47 -12.14 -4.14
N ARG C 139 -26.32 -12.77 -3.33
CA ARG C 139 -26.45 -14.24 -3.35
C ARG C 139 -26.76 -14.77 -4.75
N ARG C 140 -27.77 -14.17 -5.45
CA ARG C 140 -28.09 -14.52 -6.83
C ARG C 140 -26.90 -14.30 -7.79
N ALA C 141 -26.23 -13.10 -7.72
CA ALA C 141 -25.10 -12.75 -8.59
C ALA C 141 -23.96 -13.78 -8.47
N LEU C 142 -23.65 -14.16 -7.26
CA LEU C 142 -22.57 -15.10 -6.97
C LEU C 142 -22.88 -16.51 -7.47
N SER C 143 -24.13 -16.95 -7.27
CA SER C 143 -24.65 -18.25 -7.72
C SER C 143 -24.65 -18.39 -9.22
N ARG C 144 -24.76 -17.26 -9.94
CA ARG C 144 -24.86 -17.23 -11.39
C ARG C 144 -23.52 -16.90 -12.03
N TYR C 145 -22.76 -15.95 -11.45
CA TYR C 145 -21.57 -15.41 -12.11
C TYR C 145 -20.23 -15.87 -11.56
N ALA C 146 -20.25 -16.58 -10.45
CA ALA C 146 -19.01 -17.03 -9.81
C ALA C 146 -19.04 -18.52 -9.40
N VAL C 147 -19.57 -19.40 -10.26
CA VAL C 147 -19.70 -20.83 -9.93
C VAL C 147 -18.88 -21.76 -10.82
N HIS D 4 -7.95 20.70 -35.92
CA HIS D 4 -8.46 19.36 -35.68
C HIS D 4 -8.48 19.03 -34.18
N HIS D 5 -7.29 18.91 -33.54
CA HIS D 5 -7.15 18.92 -32.07
C HIS D 5 -6.18 20.02 -31.64
N HIS D 6 -6.72 21.25 -31.47
CA HIS D 6 -6.05 22.44 -30.92
C HIS D 6 -5.28 22.03 -29.67
N MET D 7 -5.98 21.45 -28.67
CA MET D 7 -5.32 20.94 -27.47
C MET D 7 -4.65 19.58 -27.75
N PRO D 8 -3.40 19.39 -27.28
CA PRO D 8 -2.73 18.09 -27.47
C PRO D 8 -3.37 16.94 -26.68
N ASP D 9 -3.30 15.75 -27.24
CA ASP D 9 -3.84 14.60 -26.57
C ASP D 9 -2.95 14.19 -25.38
N SER D 10 -3.57 13.57 -24.43
CA SER D 10 -2.83 13.01 -23.34
C SER D 10 -2.94 11.52 -23.34
N TYR D 11 -1.96 10.88 -22.71
CA TYR D 11 -2.00 9.46 -22.46
C TYR D 11 -2.95 9.20 -21.27
N VAL D 12 -3.87 8.25 -21.42
CA VAL D 12 -4.89 8.00 -20.41
C VAL D 12 -4.63 6.67 -19.75
N HIS D 13 -4.37 6.71 -18.42
CA HIS D 13 -4.37 5.50 -17.60
C HIS D 13 -5.63 5.46 -16.78
N ARG D 14 -6.47 4.44 -16.99
CA ARG D 14 -7.74 4.28 -16.28
C ARG D 14 -7.49 3.55 -14.96
N HIS D 15 -8.00 4.10 -13.86
CA HIS D 15 -7.89 3.47 -12.55
C HIS D 15 -9.24 3.47 -11.83
N VAL D 16 -9.69 2.31 -11.36
CA VAL D 16 -10.89 2.23 -10.53
C VAL D 16 -10.44 2.23 -9.06
N VAL D 17 -10.95 3.19 -8.26
CA VAL D 17 -10.61 3.31 -6.84
C VAL D 17 -11.10 2.08 -6.06
N THR D 18 -10.18 1.48 -5.29
CA THR D 18 -10.56 0.33 -4.45
C THR D 18 -10.67 0.74 -3.00
N PHE D 19 -11.34 -0.07 -2.17
CA PHE D 19 -11.50 0.25 -0.74
C PHE D 19 -10.19 0.43 0.00
N ASP D 20 -9.15 -0.35 -0.37
CA ASP D 20 -7.85 -0.25 0.29
C ASP D 20 -7.14 1.08 0.02
N GLU D 21 -7.68 1.90 -0.90
CA GLU D 21 -7.12 3.22 -1.20
C GLU D 21 -7.89 4.33 -0.46
N THR D 22 -8.97 3.95 0.20
CA THR D 22 -9.73 4.89 0.99
C THR D 22 -9.16 4.93 2.42
N ASN D 23 -9.79 5.71 3.30
CA ASN D 23 -9.43 5.80 4.70
C ASN D 23 -10.68 6.16 5.49
N LEU D 24 -10.59 6.17 6.83
CA LEU D 24 -11.75 6.38 7.69
C LEU D 24 -12.50 7.69 7.43
N VAL D 25 -11.82 8.75 6.92
CA VAL D 25 -12.48 9.99 6.50
C VAL D 25 -13.52 9.74 5.36
N GLY D 26 -13.31 8.70 4.57
CA GLY D 26 -14.23 8.26 3.53
C GLY D 26 -13.75 8.54 2.11
N ASN D 27 -12.65 9.26 1.96
CA ASN D 27 -12.07 9.62 0.66
C ASN D 27 -10.80 8.82 0.36
N VAL D 28 -10.24 9.01 -0.85
CA VAL D 28 -8.95 8.43 -1.25
C VAL D 28 -7.85 9.09 -0.42
N TYR D 29 -7.07 8.27 0.32
CA TYR D 29 -5.92 8.77 1.05
C TYR D 29 -4.92 9.44 0.08
N PHE D 30 -4.40 10.63 0.43
CA PHE D 30 -3.66 11.49 -0.53
C PHE D 30 -2.49 10.77 -1.23
N ALA D 31 -1.74 9.92 -0.48
CA ALA D 31 -0.52 9.31 -1.03
C ALA D 31 -0.76 8.35 -2.22
N HIS D 32 -1.97 7.76 -2.32
CA HIS D 32 -2.37 6.93 -3.47
C HIS D 32 -2.28 7.60 -4.82
N TYR D 33 -2.54 8.92 -4.86
CA TYR D 33 -2.43 9.71 -6.09
C TYR D 33 -1.01 9.66 -6.67
N LEU D 34 -0.01 9.58 -5.80
CA LEU D 34 1.39 9.43 -6.22
C LEU D 34 1.69 8.05 -6.75
N HIS D 35 1.13 6.97 -6.13
CA HIS D 35 1.23 5.62 -6.68
C HIS D 35 0.70 5.58 -8.10
N TRP D 36 -0.45 6.27 -8.35
CA TRP D 36 -1.10 6.28 -9.64
C TRP D 36 -0.25 6.89 -10.76
N GLN D 37 0.65 7.83 -10.42
CA GLN D 37 1.66 8.37 -11.37
C GLN D 37 2.58 7.25 -11.85
N GLY D 38 3.02 6.42 -10.90
CA GLY D 38 3.84 5.24 -11.17
C GLY D 38 3.09 4.27 -12.08
N HIS D 39 1.85 3.91 -11.71
CA HIS D 39 1.03 2.99 -12.51
C HIS D 39 0.84 3.53 -13.93
N CYS D 40 0.52 4.82 -14.02
CA CYS D 40 0.37 5.49 -15.30
C CYS D 40 1.65 5.43 -16.16
N ARG D 41 2.82 5.79 -15.61
CA ARG D 41 4.06 5.78 -16.40
C ARG D 41 4.47 4.38 -16.84
N GLU D 42 4.19 3.35 -16.01
CA GLU D 42 4.44 1.96 -16.37
C GLU D 42 3.51 1.47 -17.48
N HIS D 43 2.20 1.79 -17.40
CA HIS D 43 1.19 1.44 -18.40
C HIS D 43 1.59 2.12 -19.73
N PHE D 44 2.07 3.37 -19.67
CA PHE D 44 2.58 4.11 -20.82
C PHE D 44 3.70 3.36 -21.53
N LEU D 45 4.71 2.93 -20.78
CA LEU D 45 5.79 2.07 -21.29
C LEU D 45 5.27 0.79 -21.94
N ALA D 46 4.33 0.06 -21.29
CA ALA D 46 3.77 -1.18 -21.88
C ALA D 46 3.04 -0.91 -23.22
N ASP D 47 2.34 0.22 -23.31
CA ASP D 47 1.57 0.59 -24.50
C ASP D 47 2.44 1.16 -25.62
N HIS D 48 3.45 1.97 -25.28
CA HIS D 48 4.08 2.85 -26.29
C HIS D 48 5.59 2.74 -26.36
N ALA D 49 6.21 2.11 -25.36
CA ALA D 49 7.66 1.92 -25.35
C ALA D 49 8.01 0.52 -24.81
N PRO D 50 7.46 -0.59 -25.42
CA PRO D 50 7.67 -1.93 -24.83
C PRO D 50 9.13 -2.39 -24.74
N GLY D 51 9.99 -1.90 -25.63
CA GLY D 51 11.43 -2.20 -25.58
C GLY D 51 12.06 -1.66 -24.31
N VAL D 52 11.64 -0.45 -23.88
CA VAL D 52 12.09 0.16 -22.62
C VAL D 52 11.59 -0.65 -21.42
N MET D 53 10.31 -1.05 -21.44
CA MET D 53 9.67 -1.94 -20.45
C MET D 53 10.54 -3.19 -20.20
N ALA D 54 11.03 -3.84 -21.27
CA ALA D 54 11.90 -5.02 -21.19
C ALA D 54 13.26 -4.69 -20.57
N ALA D 55 13.85 -3.52 -20.92
CA ALA D 55 15.14 -3.06 -20.40
C ALA D 55 15.10 -2.82 -18.88
N LEU D 56 13.91 -2.50 -18.33
CA LEU D 56 13.66 -2.34 -16.89
C LEU D 56 13.76 -3.63 -16.05
N ALA D 57 13.85 -4.80 -16.73
CA ALA D 57 14.14 -6.11 -16.12
C ALA D 57 15.59 -6.49 -16.39
N ASP D 58 16.31 -5.65 -17.15
CA ASP D 58 17.65 -5.91 -17.67
C ASP D 58 18.64 -4.77 -17.29
N GLY D 59 18.41 -4.15 -16.15
CA GLY D 59 19.36 -3.19 -15.58
C GLY D 59 19.04 -1.70 -15.74
N LEU D 60 18.16 -1.33 -16.69
CA LEU D 60 17.68 0.05 -16.77
C LEU D 60 16.71 0.33 -15.60
N ALA D 61 16.80 1.51 -15.02
CA ALA D 61 15.91 1.97 -13.97
C ALA D 61 15.44 3.39 -14.22
N LEU D 62 14.15 3.62 -13.92
CA LEU D 62 13.59 4.97 -13.88
C LEU D 62 13.62 5.43 -12.45
N VAL D 63 14.46 6.42 -12.17
CA VAL D 63 14.66 6.92 -10.81
C VAL D 63 13.89 8.26 -10.65
N THR D 64 12.95 8.32 -9.70
CA THR D 64 12.21 9.55 -9.44
C THR D 64 13.13 10.59 -8.76
N VAL D 65 13.18 11.79 -9.33
CA VAL D 65 13.97 12.95 -8.85
C VAL D 65 13.08 13.79 -7.93
N ASP D 66 11.85 14.02 -8.35
CA ASP D 66 10.85 14.74 -7.56
C ASP D 66 9.45 14.39 -8.01
N CYS D 67 8.46 14.68 -7.17
CA CYS D 67 7.06 14.54 -7.53
C CYS D 67 6.23 15.56 -6.72
N HIS D 68 5.01 15.81 -7.20
CA HIS D 68 4.14 16.86 -6.69
C HIS D 68 2.68 16.45 -6.96
N ALA D 69 1.78 16.82 -6.06
CA ALA D 69 0.35 16.72 -6.30
C ALA D 69 -0.38 17.89 -5.66
N ASP D 70 -1.40 18.43 -6.37
CA ASP D 70 -2.36 19.42 -5.86
C ASP D 70 -3.72 18.76 -5.84
N PHE D 71 -4.43 18.84 -4.72
CA PHE D 71 -5.72 18.13 -4.54
C PHE D 71 -6.88 19.13 -4.54
N TYR D 72 -7.93 18.84 -5.33
CA TYR D 72 -9.03 19.79 -5.52
C TYR D 72 -10.39 19.28 -5.03
N ALA D 73 -10.68 18.00 -5.29
CA ALA D 73 -11.95 17.38 -4.90
C ALA D 73 -11.68 15.95 -4.47
N GLU D 74 -12.47 15.45 -3.53
CA GLU D 74 -12.31 14.10 -2.99
CA GLU D 74 -12.31 14.10 -2.99
C GLU D 74 -12.67 12.99 -3.99
N GLY D 75 -11.85 11.94 -4.01
CA GLY D 75 -12.16 10.69 -4.69
C GLY D 75 -12.82 9.71 -3.72
N SER D 76 -13.59 8.77 -4.23
CA SER D 76 -14.33 7.80 -3.42
C SER D 76 -14.13 6.39 -4.01
N ALA D 77 -14.34 5.34 -3.20
CA ALA D 77 -14.36 3.95 -3.67
C ALA D 77 -15.30 3.77 -4.87
N PHE D 78 -14.84 3.01 -5.88
CA PHE D 78 -15.54 2.69 -7.13
C PHE D 78 -15.49 3.79 -8.17
N ASP D 79 -14.94 4.99 -7.84
CA ASP D 79 -14.75 6.05 -8.83
C ASP D 79 -13.85 5.54 -9.94
N GLU D 80 -14.22 5.82 -11.18
CA GLU D 80 -13.36 5.57 -12.32
C GLU D 80 -12.58 6.86 -12.59
N VAL D 81 -11.25 6.80 -12.40
CA VAL D 81 -10.38 7.96 -12.52
C VAL D 81 -9.51 7.78 -13.73
N GLU D 82 -9.48 8.81 -14.61
CA GLU D 82 -8.50 8.84 -15.68
C GLU D 82 -7.28 9.62 -15.21
N VAL D 83 -6.14 8.95 -15.18
CA VAL D 83 -4.85 9.57 -14.87
C VAL D 83 -4.26 9.97 -16.23
N ARG D 84 -4.39 11.26 -16.58
CA ARG D 84 -4.03 11.76 -17.88
C ARG D 84 -2.63 12.36 -17.83
N MET D 85 -1.70 11.74 -18.56
CA MET D 85 -0.29 12.11 -18.53
C MET D 85 0.15 12.91 -19.75
N MET D 86 0.95 13.95 -19.52
CA MET D 86 1.59 14.71 -20.59
C MET D 86 3.07 14.90 -20.33
N LEU D 87 3.87 14.97 -21.40
CA LEU D 87 5.27 15.36 -21.30
C LEU D 87 5.39 16.87 -21.12
N ASP D 88 6.02 17.30 -20.01
CA ASP D 88 6.35 18.73 -19.80
C ASP D 88 7.63 19.12 -20.47
N ARG D 89 8.68 18.31 -20.25
CA ARG D 89 9.98 18.56 -20.87
C ARG D 89 10.89 17.35 -20.74
N LEU D 90 11.77 17.21 -21.72
CA LEU D 90 12.81 16.22 -21.78
C LEU D 90 14.07 17.01 -21.76
N ASP D 91 14.86 16.86 -20.69
CA ASP D 91 16.09 17.61 -20.45
C ASP D 91 17.26 16.67 -20.11
N GLY D 92 17.92 16.16 -21.17
CA GLY D 92 19.05 15.25 -21.07
C GLY D 92 18.62 13.81 -20.81
N HIS D 93 19.05 13.25 -19.65
CA HIS D 93 18.61 11.98 -19.07
C HIS D 93 17.31 12.15 -18.24
N ARG D 94 16.81 13.39 -18.07
CA ARG D 94 15.62 13.68 -17.27
C ARG D 94 14.34 13.89 -18.09
N ILE D 95 13.22 13.42 -17.53
CA ILE D 95 11.88 13.51 -18.12
C ILE D 95 10.97 14.11 -17.05
N ALA D 96 10.33 15.24 -17.37
CA ALA D 96 9.29 15.84 -16.52
C ALA D 96 7.95 15.58 -17.18
N MET D 97 7.04 14.95 -16.42
CA MET D 97 5.68 14.60 -16.81
C MET D 97 4.70 15.33 -15.92
N SER D 98 3.52 15.67 -16.45
CA SER D 98 2.41 16.24 -15.69
C SER D 98 1.16 15.37 -15.81
N PHE D 99 0.26 15.48 -14.80
CA PHE D 99 -0.89 14.57 -14.65
C PHE D 99 -2.11 15.37 -14.26
N ASP D 100 -3.23 15.12 -14.96
CA ASP D 100 -4.56 15.49 -14.51
C ASP D 100 -5.23 14.22 -14.01
N TYR D 101 -5.92 14.29 -12.85
CA TYR D 101 -6.67 13.14 -12.35
C TYR D 101 -8.12 13.49 -12.45
N VAL D 102 -8.82 12.87 -13.41
CA VAL D 102 -10.18 13.22 -13.73
C VAL D 102 -11.11 12.06 -13.39
N ARG D 103 -12.05 12.27 -12.44
CA ARG D 103 -13.14 11.30 -12.26
C ARG D 103 -14.08 11.40 -13.46
N VAL D 104 -14.27 10.29 -14.19
CA VAL D 104 -15.17 10.22 -15.35
C VAL D 104 -16.46 9.45 -15.04
N ALA D 105 -16.50 8.73 -13.91
CA ALA D 105 -17.71 8.04 -13.45
C ALA D 105 -17.59 7.74 -11.95
N PRO D 106 -18.68 7.80 -11.17
CA PRO D 106 -20.03 8.28 -11.53
C PRO D 106 -20.06 9.80 -11.61
N GLY D 107 -21.20 10.35 -12.05
CA GLY D 107 -21.45 11.79 -12.03
C GLY D 107 -20.69 12.50 -13.13
N PRO D 108 -20.66 13.86 -13.10
CA PRO D 108 -20.00 14.61 -14.19
C PRO D 108 -18.47 14.55 -14.13
N PRO D 109 -17.76 14.70 -15.27
CA PRO D 109 -16.29 14.74 -15.21
C PRO D 109 -15.79 15.77 -14.20
N THR D 110 -14.94 15.34 -13.25
CA THR D 110 -14.45 16.18 -12.16
C THR D 110 -12.94 16.05 -12.04
N LEU D 111 -12.24 17.20 -12.13
CA LEU D 111 -10.80 17.26 -11.85
C LEU D 111 -10.57 17.08 -10.34
N LEU D 112 -10.06 15.92 -9.96
CA LEU D 112 -9.81 15.59 -8.54
C LEU D 112 -8.55 16.24 -8.05
N ALA D 113 -7.54 16.31 -8.94
CA ALA D 113 -6.17 16.58 -8.57
C ALA D 113 -5.35 16.82 -9.81
N GLN D 114 -4.18 17.46 -9.64
CA GLN D 114 -3.15 17.50 -10.67
C GLN D 114 -1.83 17.10 -10.04
N GLY D 115 -0.89 16.67 -10.87
CA GLY D 115 0.41 16.27 -10.38
C GLY D 115 1.53 16.47 -11.36
N ARG D 116 2.76 16.26 -10.89
CA ARG D 116 3.96 16.36 -11.71
C ARG D 116 4.97 15.42 -11.14
N GLN D 117 5.89 14.97 -11.99
CA GLN D 117 6.99 14.11 -11.56
C GLN D 117 8.16 14.31 -12.51
N THR D 118 9.39 14.29 -11.97
CA THR D 118 10.59 14.22 -12.80
C THR D 118 11.25 12.89 -12.56
N VAL D 119 11.61 12.20 -13.63
CA VAL D 119 12.35 10.94 -13.56
C VAL D 119 13.69 11.02 -14.28
N ALA D 120 14.66 10.26 -13.83
CA ALA D 120 15.95 10.15 -14.52
C ALA D 120 16.12 8.70 -15.00
N CYS D 121 16.61 8.51 -16.23
CA CYS D 121 16.95 7.19 -16.75
C CYS D 121 18.35 6.84 -16.24
N MET D 122 18.46 5.69 -15.57
CA MET D 122 19.73 5.23 -15.00
C MET D 122 19.95 3.76 -15.25
N ARG D 123 21.19 3.34 -15.13
CA ARG D 123 21.57 1.93 -15.18
C ARG D 123 22.34 1.54 -13.91
N ARG D 124 22.17 0.29 -13.47
CA ARG D 124 22.94 -0.24 -12.33
C ARG D 124 24.37 -0.50 -12.78
N ALA D 125 25.33 0.24 -12.17
CA ALA D 125 26.75 0.09 -12.48
C ALA D 125 27.38 -0.88 -11.47
N GLY D 126 27.75 -0.38 -10.29
CA GLY D 126 28.25 -1.19 -9.18
C GLY D 126 27.15 -1.40 -8.16
N HIS D 127 27.28 -0.74 -7.01
CA HIS D 127 26.22 -0.71 -6.00
C HIS D 127 25.42 0.62 -6.07
N GLY D 128 25.71 1.40 -7.11
CA GLY D 128 25.00 2.64 -7.44
C GLY D 128 24.43 2.66 -8.84
N LEU D 129 23.81 3.77 -9.18
CA LEU D 129 23.24 3.99 -10.51
C LEU D 129 23.94 5.18 -11.16
N GLU D 130 24.03 5.15 -12.50
CA GLU D 130 24.62 6.23 -13.28
C GLU D 130 23.66 6.74 -14.38
N PRO D 131 23.69 8.06 -14.74
CA PRO D 131 22.78 8.58 -15.77
C PRO D 131 23.02 7.92 -17.12
N VAL D 132 21.92 7.63 -17.82
CA VAL D 132 21.93 7.13 -19.20
C VAL D 132 21.01 8.06 -20.00
N GLU D 133 21.33 8.30 -21.28
CA GLU D 133 20.45 9.02 -22.20
C GLU D 133 19.04 8.43 -22.18
N VAL D 134 17.98 9.25 -22.26
CA VAL D 134 16.63 8.73 -22.45
C VAL D 134 16.64 7.81 -23.71
N PRO D 135 16.22 6.53 -23.62
CA PRO D 135 16.20 5.68 -24.83
C PRO D 135 15.37 6.33 -25.94
N ALA D 136 15.82 6.19 -27.21
CA ALA D 136 15.17 6.78 -28.39
C ALA D 136 13.67 6.44 -28.45
N GLU D 137 13.32 5.18 -28.14
CA GLU D 137 11.94 4.68 -28.17
C GLU D 137 11.03 5.45 -27.21
N LEU D 138 11.55 5.75 -25.99
CA LEU D 138 10.84 6.50 -24.98
C LEU D 138 10.72 7.98 -25.36
N ARG D 139 11.81 8.61 -25.84
CA ARG D 139 11.79 9.97 -26.38
C ARG D 139 10.67 10.11 -27.43
N ARG D 140 10.67 9.21 -28.42
CA ARG D 140 9.71 9.08 -29.50
C ARG D 140 8.26 8.97 -28.95
N ALA D 141 8.05 8.09 -27.98
CA ALA D 141 6.72 7.82 -27.39
C ALA D 141 6.18 9.04 -26.59
N LEU D 142 7.03 9.62 -25.70
CA LEU D 142 6.64 10.80 -24.90
C LEU D 142 6.38 12.06 -25.74
N SER D 143 7.13 12.26 -26.84
CA SER D 143 6.99 13.46 -27.68
C SER D 143 5.61 13.57 -28.33
N ARG D 144 4.87 12.48 -28.42
CA ARG D 144 3.50 12.49 -28.95
C ARG D 144 2.51 13.15 -27.99
N TYR D 145 2.90 13.30 -26.70
CA TYR D 145 2.07 13.90 -25.65
C TYR D 145 2.70 15.16 -25.06
N ALA D 146 3.53 15.87 -25.84
CA ALA D 146 4.19 17.10 -25.41
C ALA D 146 3.21 18.24 -25.12
N VAL D 147 3.40 18.88 -23.94
CA VAL D 147 2.73 20.13 -23.58
C VAL D 147 3.22 21.20 -24.56
N VAL D 148 2.31 22.03 -25.09
CA VAL D 148 2.68 23.10 -26.03
C VAL D 148 2.60 24.50 -25.41
N ALA D 149 3.53 25.39 -25.82
CA ALA D 149 3.53 26.81 -25.47
C ALA D 149 2.38 27.57 -26.17
CAB SSV E . -7.24 13.16 7.81
CAP SSV E . -5.76 13.22 8.17
OAC SSV E . -5.01 12.25 7.94
CAO SSV E . -5.28 14.43 8.66
CAN SSV E . -3.99 14.65 9.11
CAM SSV E . -3.69 15.92 9.57
CAL SSV E . -2.45 16.25 10.07
CAK SSV E . -2.15 17.53 10.49
CAJ SSV E . -0.85 17.75 10.91
CAI SSV E . -0.37 18.95 11.41
CAH SSV E . 0.96 18.90 11.82
CAG SSV E . 1.66 20.01 12.28
CAF SSV E . 3.01 19.86 12.51
CAE SSV E . 3.83 20.78 13.13
CAD SSV E . 5.18 20.50 13.31
CAA SSV E . 6.12 21.52 13.94
#